data_1F2J
#
_entry.id   1F2J
#
_cell.length_a   209.660
_cell.length_b   209.660
_cell.length_c   209.660
_cell.angle_alpha   90.00
_cell.angle_beta   90.00
_cell.angle_gamma   90.00
#
_symmetry.space_group_name_H-M   'I 4 3 2'
#
loop_
_entity.id
_entity.type
_entity.pdbx_description
1 polymer 'FRUCTOSE-BISPHOSPHATE ALDOLASE, GLYCOSOMAL'
2 water water
#
_entity_poly.entity_id   1
_entity_poly.type   'polypeptide(L)'
_entity_poly.pdbx_seq_one_letter_code
;SKRVEVLLTQLPAYNRLKTPYEAELIETAKKMTAPGKGLLAADESTGSCSKRFAGIGLSNTAEHRRQYRALMLECEGFEQ
YISGVILHDETVYQKAKTGETFPQYLRRRGVVPGIKTDCGLEPLVEGAKGEQMTAGLDGYIKRAKKYYAMGCRFCKWRNV
YKIQNGTVSEAVVRFNAETLARYAILSQLCGLVPIVEPEVMIDGTHDIETCQRVSQHVWSEVVSALHRHGVVWEGCLLKP
NMVVPGAESGLKGHAEQVAEYTVKTLARVIPPALPGVTFLSGGLSEVMASEYLNAMNNCPLPRPWKLTFSYARALQSSAI
KRWGGKESGVEAGRRAFMHRAKMNSLAQLGKYNRADDDKDSQSLYVAGNT
;
_entity_poly.pdbx_strand_id   A
#
# COMPACT_ATOMS: atom_id res chain seq x y z
N SER A 1 27.78 -20.03 -38.67
CA SER A 1 28.44 -20.06 -37.33
C SER A 1 28.05 -21.28 -36.43
N LYS A 2 28.70 -21.34 -35.26
CA LYS A 2 28.39 -22.35 -34.26
C LYS A 2 27.05 -21.87 -33.59
N ARG A 3 26.05 -22.73 -33.77
CA ARG A 3 24.68 -22.55 -33.28
C ARG A 3 24.43 -23.57 -32.16
N VAL A 4 23.48 -23.41 -31.27
CA VAL A 4 23.35 -24.45 -30.25
C VAL A 4 21.90 -24.36 -29.93
N GLU A 5 21.35 -25.45 -29.51
CA GLU A 5 19.90 -25.35 -29.20
C GLU A 5 19.75 -25.01 -27.74
N VAL A 6 19.04 -23.98 -27.37
CA VAL A 6 18.98 -23.73 -25.91
C VAL A 6 17.52 -23.59 -25.53
N LEU A 7 17.21 -23.49 -24.22
CA LEU A 7 15.77 -23.21 -23.83
C LEU A 7 15.52 -21.76 -24.13
N LEU A 8 14.29 -21.48 -24.55
CA LEU A 8 14.08 -20.00 -24.71
C LEU A 8 14.24 -19.26 -23.36
N THR A 9 13.93 -19.98 -22.22
CA THR A 9 14.10 -19.28 -20.97
C THR A 9 15.51 -18.98 -20.56
N GLN A 10 16.40 -19.45 -21.38
CA GLN A 10 17.78 -19.08 -21.14
C GLN A 10 18.05 -17.77 -21.88
N LEU A 11 17.10 -17.25 -22.62
CA LEU A 11 17.36 -15.98 -23.35
C LEU A 11 16.74 -14.77 -22.61
N PRO A 12 17.47 -13.70 -22.81
CA PRO A 12 17.17 -12.46 -22.04
C PRO A 12 15.77 -11.98 -22.13
N ALA A 13 15.23 -12.10 -23.30
CA ALA A 13 13.84 -11.52 -23.52
C ALA A 13 12.82 -12.49 -23.01
N TYR A 14 13.27 -13.68 -22.50
CA TYR A 14 12.30 -14.65 -22.10
C TYR A 14 12.24 -14.84 -20.60
N ASN A 15 12.74 -13.87 -19.86
CA ASN A 15 12.72 -14.00 -18.39
C ASN A 15 11.42 -13.35 -17.87
N ARG A 16 10.38 -14.09 -18.00
CA ARG A 16 9.05 -13.54 -17.74
C ARG A 16 8.34 -14.42 -16.78
N LEU A 17 7.70 -13.86 -15.70
CA LEU A 17 7.14 -14.86 -14.75
C LEU A 17 5.97 -15.58 -15.36
N LYS A 18 6.01 -16.88 -15.44
CA LYS A 18 4.88 -17.62 -16.01
C LYS A 18 4.10 -18.19 -14.79
N THR A 19 2.87 -17.77 -14.49
CA THR A 19 2.17 -18.16 -13.25
C THR A 19 0.76 -18.55 -13.68
N PRO A 20 0.39 -19.67 -13.20
CA PRO A 20 -0.92 -20.17 -13.50
C PRO A 20 -1.99 -19.38 -12.74
N TYR A 21 -1.66 -18.43 -11.86
CA TYR A 21 -2.66 -17.64 -11.24
C TYR A 21 -2.87 -16.45 -12.07
N GLU A 22 -2.23 -16.47 -13.29
CA GLU A 22 -2.31 -15.21 -13.92
C GLU A 22 -3.67 -14.46 -13.99
N ALA A 23 -4.66 -15.20 -14.47
CA ALA A 23 -5.91 -14.49 -14.73
C ALA A 23 -6.59 -14.04 -13.46
N GLU A 24 -6.38 -14.89 -12.43
CA GLU A 24 -6.90 -14.60 -11.07
C GLU A 24 -6.28 -13.33 -10.50
N LEU A 25 -4.96 -13.21 -10.77
CA LEU A 25 -4.25 -12.01 -10.30
C LEU A 25 -4.85 -10.81 -10.92
N ILE A 26 -5.01 -10.93 -12.25
CA ILE A 26 -5.59 -9.76 -12.96
C ILE A 26 -6.99 -9.39 -12.48
N GLU A 27 -7.77 -10.38 -12.20
CA GLU A 27 -9.14 -10.14 -11.73
C GLU A 27 -9.13 -9.53 -10.28
N THR A 28 -8.26 -10.09 -9.42
CA THR A 28 -8.15 -9.44 -8.06
C THR A 28 -7.79 -8.01 -8.13
N ALA A 29 -6.86 -7.73 -9.02
CA ALA A 29 -6.47 -6.39 -9.03
C ALA A 29 -7.56 -5.46 -9.48
N LYS A 30 -8.31 -5.87 -10.47
CA LYS A 30 -9.39 -4.96 -10.95
C LYS A 30 -10.40 -4.81 -9.75
N LYS A 31 -10.63 -5.92 -9.03
CA LYS A 31 -11.56 -5.92 -7.86
C LYS A 31 -11.04 -4.87 -6.83
N MET A 32 -9.70 -4.86 -6.65
CA MET A 32 -9.13 -4.01 -5.67
C MET A 32 -9.26 -2.61 -6.00
N THR A 33 -9.34 -2.37 -7.30
CA THR A 33 -9.31 -0.96 -7.66
C THR A 33 -10.69 -0.55 -8.26
N ALA A 34 -11.71 -1.24 -7.94
CA ALA A 34 -13.04 -0.80 -8.39
C ALA A 34 -13.35 0.60 -8.05
N PRO A 35 -14.05 1.26 -8.90
CA PRO A 35 -14.41 2.66 -8.74
C PRO A 35 -15.17 2.96 -7.41
N GLY A 36 -14.79 4.07 -6.76
CA GLY A 36 -15.33 4.42 -5.44
C GLY A 36 -14.81 3.52 -4.33
N LYS A 37 -13.80 2.63 -4.54
CA LYS A 37 -13.30 1.79 -3.45
C LYS A 37 -11.79 1.97 -3.31
N GLY A 38 -11.30 1.57 -2.14
CA GLY A 38 -9.86 1.59 -1.80
C GLY A 38 -9.59 0.63 -0.72
N LEU A 39 -8.29 0.59 -0.36
CA LEU A 39 -7.86 -0.38 0.60
C LEU A 39 -7.62 0.30 2.00
N LEU A 40 -8.05 -0.55 2.94
CA LEU A 40 -7.82 -0.23 4.35
C LEU A 40 -6.48 -0.97 4.64
N ALA A 41 -5.50 -0.16 5.12
CA ALA A 41 -4.25 -0.93 5.51
C ALA A 41 -4.38 -1.21 7.01
N ALA A 42 -4.41 -2.48 7.43
CA ALA A 42 -4.60 -2.68 8.90
C ALA A 42 -3.50 -3.61 9.42
N ASP A 43 -2.30 -3.46 8.81
CA ASP A 43 -1.22 -4.38 9.02
C ASP A 43 -0.19 -3.85 9.96
N GLU A 44 -0.61 -3.06 10.91
CA GLU A 44 0.32 -2.62 11.98
C GLU A 44 0.89 -3.80 12.74
N SER A 45 2.18 -3.70 13.06
CA SER A 45 2.83 -4.76 13.88
C SER A 45 2.33 -4.51 15.27
N THR A 46 2.62 -5.55 15.99
CA THR A 46 2.31 -5.54 17.48
C THR A 46 2.84 -4.28 18.10
N GLY A 47 4.02 -3.96 17.78
CA GLY A 47 4.50 -2.69 18.29
C GLY A 47 3.84 -1.45 17.79
N SER A 48 3.56 -1.51 16.50
CA SER A 48 2.92 -0.28 16.06
C SER A 48 1.60 -0.11 16.79
N CYS A 49 1.02 -1.29 17.17
CA CYS A 49 -0.25 -1.28 17.89
C CYS A 49 -0.07 -0.56 19.22
N SER A 50 1.15 -0.63 19.82
CA SER A 50 1.31 0.04 21.15
C SER A 50 1.11 1.52 21.02
N LYS A 51 1.64 1.88 19.92
CA LYS A 51 1.57 3.29 19.62
C LYS A 51 0.14 3.78 19.42
N ARG A 52 -0.51 2.96 18.55
CA ARG A 52 -1.87 3.19 18.20
C ARG A 52 -2.72 3.30 19.43
N PHE A 53 -2.43 2.48 20.43
CA PHE A 53 -3.34 2.44 21.58
C PHE A 53 -3.04 3.41 22.66
N ALA A 54 -1.91 4.02 22.43
CA ALA A 54 -1.40 4.80 23.47
C ALA A 54 -2.26 5.93 23.83
N GLY A 55 -2.65 6.60 22.85
CA GLY A 55 -3.44 7.58 23.46
C GLY A 55 -4.79 7.14 24.10
N ILE A 56 -5.29 5.94 23.98
CA ILE A 56 -6.66 5.65 24.49
C ILE A 56 -6.47 4.77 25.72
N GLY A 57 -5.22 4.52 26.06
CA GLY A 57 -4.94 3.69 27.16
C GLY A 57 -5.32 2.26 26.97
N LEU A 58 -5.32 1.79 25.76
CA LEU A 58 -5.74 0.43 25.61
C LEU A 58 -4.49 -0.45 25.72
N SER A 59 -4.58 -1.48 26.49
CA SER A 59 -3.43 -2.38 26.79
C SER A 59 -3.11 -3.13 25.58
N ASN A 60 -1.90 -3.54 25.44
CA ASN A 60 -1.57 -4.19 24.17
C ASN A 60 -1.54 -5.66 24.10
N THR A 61 -2.74 -6.29 24.00
CA THR A 61 -2.85 -7.78 23.96
C THR A 61 -3.38 -8.33 22.64
N ALA A 62 -3.24 -9.61 22.38
CA ALA A 62 -3.85 -10.15 21.17
C ALA A 62 -5.31 -9.94 21.08
N GLU A 63 -5.95 -10.00 22.20
CA GLU A 63 -7.37 -9.81 22.20
C GLU A 63 -7.83 -8.42 21.83
N HIS A 64 -7.08 -7.50 22.38
CA HIS A 64 -7.36 -6.08 22.07
C HIS A 64 -7.05 -5.62 20.60
N ARG A 65 -5.95 -6.33 20.07
CA ARG A 65 -5.59 -6.12 18.66
C ARG A 65 -6.77 -6.60 17.76
N ARG A 66 -7.24 -7.80 18.17
CA ARG A 66 -8.42 -8.42 17.49
C ARG A 66 -9.58 -7.48 17.46
N GLN A 67 -9.83 -6.91 18.69
CA GLN A 67 -10.93 -5.93 18.79
C GLN A 67 -10.72 -4.64 18.00
N TYR A 68 -9.47 -4.15 18.04
CA TYR A 68 -9.14 -2.96 17.30
C TYR A 68 -9.42 -3.33 15.80
N ARG A 69 -9.02 -4.54 15.36
CA ARG A 69 -9.35 -4.83 13.94
C ARG A 69 -10.83 -5.02 13.64
N ALA A 70 -11.44 -5.75 14.56
CA ALA A 70 -12.90 -5.94 14.39
C ALA A 70 -13.70 -4.74 14.35
N LEU A 71 -13.15 -3.70 15.06
CA LEU A 71 -13.83 -2.43 15.05
C LEU A 71 -14.14 -2.03 13.60
N MET A 72 -13.13 -2.26 12.76
CA MET A 72 -13.31 -1.79 11.35
C MET A 72 -13.86 -2.88 10.44
N LEU A 73 -13.27 -4.05 10.63
CA LEU A 73 -13.59 -5.11 9.75
C LEU A 73 -15.03 -5.52 9.94
N GLU A 74 -15.58 -5.51 11.17
CA GLU A 74 -16.99 -5.95 11.35
C GLU A 74 -17.84 -4.73 11.32
N CYS A 75 -17.41 -3.58 10.73
CA CYS A 75 -18.21 -2.40 10.60
C CYS A 75 -19.02 -2.61 9.29
N GLU A 76 -20.17 -3.29 9.49
CA GLU A 76 -21.00 -3.67 8.34
C GLU A 76 -21.35 -2.52 7.55
N GLY A 77 -21.10 -2.61 6.28
CA GLY A 77 -21.43 -1.42 5.49
C GLY A 77 -20.12 -0.86 4.98
N PHE A 78 -19.01 -1.19 5.70
CA PHE A 78 -17.78 -0.54 5.17
C PHE A 78 -17.36 -1.09 3.80
N GLU A 79 -17.90 -2.29 3.54
CA GLU A 79 -17.66 -2.96 2.28
C GLU A 79 -18.01 -2.15 1.05
N GLN A 80 -18.84 -1.14 1.18
CA GLN A 80 -19.09 -0.37 0.03
C GLN A 80 -17.92 0.47 -0.32
N TYR A 81 -17.10 0.74 0.64
CA TYR A 81 -16.07 1.66 0.23
C TYR A 81 -14.62 1.04 0.24
N ILE A 82 -14.53 -0.08 0.86
CA ILE A 82 -13.23 -0.64 0.94
C ILE A 82 -13.24 -1.92 0.13
N SER A 83 -12.32 -2.09 -0.85
CA SER A 83 -12.33 -3.29 -1.67
C SER A 83 -11.47 -4.39 -1.18
N GLY A 84 -10.51 -4.02 -0.30
CA GLY A 84 -9.58 -5.07 0.24
C GLY A 84 -8.91 -4.58 1.58
N VAL A 85 -8.44 -5.52 2.43
CA VAL A 85 -7.86 -5.03 3.65
C VAL A 85 -6.49 -5.67 3.70
N ILE A 86 -5.45 -4.84 3.98
CA ILE A 86 -4.11 -5.47 4.16
C ILE A 86 -3.98 -5.91 5.66
N LEU A 87 -4.02 -7.23 5.87
CA LEU A 87 -4.01 -7.66 7.22
C LEU A 87 -2.57 -7.84 7.67
N HIS A 88 -2.41 -7.91 8.98
CA HIS A 88 -1.17 -8.33 9.64
C HIS A 88 -1.32 -9.86 9.85
N ASP A 89 -0.19 -10.56 9.86
CA ASP A 89 -0.14 -12.03 9.97
C ASP A 89 -0.99 -12.62 11.11
N GLU A 90 -0.90 -11.88 12.22
CA GLU A 90 -1.69 -12.32 13.40
C GLU A 90 -3.21 -12.36 13.07
N THR A 91 -3.72 -11.25 12.46
CA THR A 91 -5.15 -11.13 12.06
C THR A 91 -5.64 -12.20 11.12
N VAL A 92 -4.77 -12.66 10.28
CA VAL A 92 -5.19 -13.74 9.35
C VAL A 92 -5.79 -14.95 10.04
N TYR A 93 -5.16 -15.25 11.14
CA TYR A 93 -5.61 -16.40 11.91
C TYR A 93 -6.64 -16.04 13.00
N GLN A 94 -6.92 -14.81 13.29
CA GLN A 94 -7.93 -14.55 14.31
C GLN A 94 -9.34 -14.73 13.74
N LYS A 95 -10.32 -14.79 14.60
CA LYS A 95 -11.68 -15.08 14.17
C LYS A 95 -12.54 -13.90 14.24
N ALA A 96 -13.39 -13.87 13.24
CA ALA A 96 -14.37 -12.78 13.23
C ALA A 96 -15.55 -13.17 14.17
N LYS A 97 -16.44 -12.30 14.37
CA LYS A 97 -17.54 -12.59 15.31
C LYS A 97 -18.38 -13.73 14.88
N THR A 98 -18.40 -13.97 13.61
CA THR A 98 -19.16 -15.14 13.18
C THR A 98 -18.39 -16.37 13.48
N GLY A 99 -17.16 -16.30 13.93
CA GLY A 99 -16.43 -17.59 14.05
C GLY A 99 -15.65 -17.99 12.71
N GLU A 100 -15.85 -17.21 11.57
CA GLU A 100 -15.03 -17.50 10.38
C GLU A 100 -13.72 -16.85 10.69
N THR A 101 -12.65 -17.24 10.02
CA THR A 101 -11.39 -16.45 10.21
C THR A 101 -11.73 -15.16 9.50
N PHE A 102 -10.89 -14.20 9.90
CA PHE A 102 -11.06 -12.88 9.23
C PHE A 102 -11.04 -12.93 7.68
N PRO A 103 -9.98 -13.64 7.17
CA PRO A 103 -9.97 -13.72 5.70
C PRO A 103 -11.37 -14.27 5.15
N GLN A 104 -11.86 -15.34 5.86
CA GLN A 104 -13.09 -16.00 5.42
C GLN A 104 -14.21 -15.06 5.53
N TYR A 105 -14.28 -14.34 6.66
CA TYR A 105 -15.36 -13.37 6.81
C TYR A 105 -15.28 -12.34 5.75
N LEU A 106 -14.09 -11.75 5.45
CA LEU A 106 -14.10 -10.64 4.53
C LEU A 106 -14.51 -11.15 3.12
N ARG A 107 -13.94 -12.33 2.78
CA ARG A 107 -14.22 -12.77 1.40
C ARG A 107 -15.77 -12.88 1.24
N ARG A 108 -16.36 -13.62 2.13
CA ARG A 108 -17.85 -13.71 2.18
C ARG A 108 -18.46 -12.36 2.05
N ARG A 109 -17.94 -11.40 2.78
CA ARG A 109 -18.53 -10.11 2.62
C ARG A 109 -18.00 -9.42 1.46
N GLY A 110 -17.33 -10.06 0.47
CA GLY A 110 -17.05 -9.14 -0.67
C GLY A 110 -15.80 -8.33 -0.55
N VAL A 111 -14.81 -8.69 0.37
CA VAL A 111 -13.66 -7.74 0.54
C VAL A 111 -12.50 -8.63 0.32
N VAL A 112 -11.60 -8.20 -0.54
CA VAL A 112 -10.48 -9.13 -0.76
C VAL A 112 -9.45 -8.97 0.45
N PRO A 113 -9.06 -10.04 1.03
CA PRO A 113 -8.11 -10.07 2.15
C PRO A 113 -6.68 -10.17 1.61
N GLY A 114 -5.87 -9.27 2.09
CA GLY A 114 -4.44 -9.34 1.64
C GLY A 114 -3.61 -9.46 2.92
N ILE A 115 -2.26 -9.49 2.73
CA ILE A 115 -1.35 -9.73 3.90
C ILE A 115 -0.06 -9.01 3.66
N LYS A 116 0.40 -8.40 4.74
CA LYS A 116 1.68 -7.71 4.68
C LYS A 116 2.76 -8.82 4.78
N THR A 117 3.58 -9.05 3.76
CA THR A 117 4.51 -10.16 3.79
C THR A 117 6.01 -9.73 3.96
N ASP A 118 6.31 -8.43 4.07
CA ASP A 118 7.70 -8.14 4.31
C ASP A 118 8.05 -8.40 5.75
N CYS A 119 9.36 -8.53 6.07
CA CYS A 119 9.75 -8.73 7.44
C CYS A 119 10.28 -7.53 8.08
N GLY A 120 10.00 -6.34 7.66
CA GLY A 120 10.43 -5.15 8.41
C GLY A 120 11.72 -4.47 7.88
N LEU A 121 11.95 -3.23 8.38
CA LEU A 121 13.06 -2.40 7.88
C LEU A 121 14.34 -2.75 8.58
N GLU A 122 15.44 -2.69 7.91
CA GLU A 122 16.71 -2.92 8.62
C GLU A 122 17.73 -1.96 7.95
N PRO A 123 18.87 -1.73 8.61
CA PRO A 123 19.90 -0.76 8.15
C PRO A 123 20.40 -1.17 6.81
N LEU A 124 20.58 -0.24 5.85
CA LEU A 124 21.00 -0.75 4.60
C LEU A 124 22.46 -1.21 4.61
N VAL A 125 23.22 -0.65 5.56
CA VAL A 125 24.66 -0.96 5.61
C VAL A 125 25.42 -0.30 4.45
N GLU A 126 25.08 -0.56 3.23
CA GLU A 126 25.67 0.23 2.20
C GLU A 126 25.02 1.64 2.22
N GLY A 127 25.51 2.55 1.40
CA GLY A 127 24.91 3.92 1.25
C GLY A 127 25.16 4.76 2.49
N ALA A 128 24.20 5.57 2.91
CA ALA A 128 24.37 6.57 3.97
C ALA A 128 23.62 6.17 5.23
N LYS A 129 24.09 6.71 6.37
CA LYS A 129 23.47 6.44 7.66
C LYS A 129 21.98 6.89 7.55
N GLY A 130 21.07 6.08 8.12
CA GLY A 130 19.68 6.45 8.13
C GLY A 130 18.93 5.72 7.03
N GLU A 131 19.67 5.26 6.00
CA GLU A 131 18.92 4.53 4.92
C GLU A 131 18.62 3.10 5.37
N GLN A 132 17.61 2.51 4.81
CA GLN A 132 17.09 1.15 5.26
C GLN A 132 16.63 0.24 4.17
N MET A 133 16.93 -1.07 4.27
CA MET A 133 16.48 -2.04 3.32
C MET A 133 15.31 -2.73 4.06
N THR A 134 14.67 -3.66 3.33
CA THR A 134 13.64 -4.37 3.95
C THR A 134 13.95 -5.86 3.83
N ALA A 135 13.74 -6.58 4.95
CA ALA A 135 13.95 -8.03 4.94
C ALA A 135 12.69 -8.87 4.58
N GLY A 136 12.90 -10.16 4.25
CA GLY A 136 11.73 -10.99 4.26
C GLY A 136 11.71 -11.96 3.07
N LEU A 137 12.69 -11.85 2.17
CA LEU A 137 12.66 -12.79 1.03
C LEU A 137 12.90 -14.24 1.40
N ASP A 138 13.69 -14.49 2.41
CA ASP A 138 13.88 -15.92 2.78
C ASP A 138 12.58 -16.60 3.28
N GLY A 139 12.31 -17.76 2.75
CA GLY A 139 11.12 -18.53 3.09
C GLY A 139 9.86 -17.91 2.53
N TYR A 140 10.05 -17.00 1.64
CA TYR A 140 8.90 -16.24 1.17
C TYR A 140 7.86 -17.15 0.47
N ILE A 141 8.22 -18.00 -0.47
CA ILE A 141 7.23 -18.75 -1.16
C ILE A 141 6.38 -19.61 -0.23
N LYS A 142 7.02 -20.17 0.73
CA LYS A 142 6.24 -20.97 1.65
C LYS A 142 5.29 -20.15 2.50
N ARG A 143 5.72 -18.92 2.86
CA ARG A 143 4.72 -18.15 3.60
C ARG A 143 3.49 -17.76 2.74
N ALA A 144 3.90 -17.28 1.54
CA ALA A 144 2.91 -16.76 0.62
C ALA A 144 1.91 -17.89 0.23
N LYS A 145 2.44 -19.09 -0.03
CA LYS A 145 1.49 -20.14 -0.36
C LYS A 145 0.51 -20.43 0.81
N LYS A 146 1.09 -20.28 1.99
CA LYS A 146 0.27 -20.46 3.16
C LYS A 146 -0.76 -19.36 3.30
N TYR A 147 -0.41 -18.06 3.09
CA TYR A 147 -1.48 -17.07 3.07
C TYR A 147 -2.56 -17.26 2.01
N TYR A 148 -2.05 -17.69 0.82
CA TYR A 148 -3.02 -17.91 -0.26
C TYR A 148 -4.03 -18.94 0.24
N ALA A 149 -3.44 -19.99 0.79
CA ALA A 149 -4.30 -21.08 1.25
C ALA A 149 -5.20 -20.64 2.33
N MET A 150 -4.84 -19.60 3.04
CA MET A 150 -5.75 -19.10 4.01
C MET A 150 -6.76 -18.18 3.39
N GLY A 151 -6.67 -17.94 2.08
CA GLY A 151 -7.69 -17.03 1.53
C GLY A 151 -7.16 -15.69 1.15
N CYS A 152 -5.92 -15.39 1.43
CA CYS A 152 -5.49 -14.01 0.98
C CYS A 152 -5.30 -14.04 -0.51
N ARG A 153 -5.56 -12.93 -1.14
CA ARG A 153 -5.35 -13.01 -2.59
C ARG A 153 -4.40 -11.92 -3.01
N PHE A 154 -3.91 -11.04 -2.10
CA PHE A 154 -2.93 -9.97 -2.50
C PHE A 154 -1.95 -9.85 -1.33
N CYS A 155 -0.81 -9.18 -1.52
CA CYS A 155 0.12 -8.99 -0.39
C CYS A 155 0.73 -7.62 -0.58
N LYS A 156 1.40 -7.19 0.45
CA LYS A 156 2.03 -5.86 0.46
C LYS A 156 3.45 -5.96 1.08
N TRP A 157 4.38 -5.20 0.48
CA TRP A 157 5.82 -5.15 0.92
C TRP A 157 6.28 -3.72 0.77
N ARG A 158 6.72 -3.19 1.86
CA ARG A 158 7.16 -1.75 1.86
C ARG A 158 8.68 -1.51 1.99
N ASN A 159 9.19 -0.73 1.10
CA ASN A 159 10.57 -0.29 1.15
C ASN A 159 10.54 1.20 1.36
N VAL A 160 11.54 1.79 2.02
CA VAL A 160 11.46 3.28 2.23
C VAL A 160 12.71 3.92 1.74
N TYR A 161 12.61 5.21 1.50
CA TYR A 161 13.74 6.02 0.99
C TYR A 161 13.65 7.33 1.71
N LYS A 162 14.67 7.54 2.49
CA LYS A 162 14.80 8.72 3.32
C LYS A 162 15.64 9.76 2.64
N ILE A 163 14.96 10.86 2.39
CA ILE A 163 15.70 11.97 1.75
C ILE A 163 16.52 12.65 2.79
N GLN A 164 17.84 12.85 2.61
CA GLN A 164 18.55 13.62 3.58
C GLN A 164 19.44 14.48 2.72
N ASN A 165 19.49 15.74 3.08
CA ASN A 165 20.42 16.59 2.33
C ASN A 165 20.00 16.64 0.89
N GLY A 166 18.64 16.52 0.71
CA GLY A 166 18.23 16.74 -0.69
C GLY A 166 18.43 15.56 -1.49
N THR A 167 18.91 14.43 -0.96
CA THR A 167 19.10 13.38 -1.93
C THR A 167 18.97 12.03 -1.17
N VAL A 168 19.26 11.03 -1.92
CA VAL A 168 19.28 9.64 -1.39
C VAL A 168 20.49 8.92 -2.04
N SER A 169 21.16 7.93 -1.39
CA SER A 169 22.27 7.28 -2.08
C SER A 169 21.77 6.50 -3.30
N GLU A 170 22.65 6.42 -4.32
CA GLU A 170 22.22 5.54 -5.41
C GLU A 170 22.13 4.02 -4.93
N ALA A 171 22.95 3.74 -3.89
CA ALA A 171 22.91 2.40 -3.30
C ALA A 171 21.47 2.10 -2.85
N VAL A 172 20.82 3.04 -2.10
CA VAL A 172 19.51 2.57 -1.63
C VAL A 172 18.54 2.46 -2.83
N VAL A 173 18.75 3.37 -3.78
CA VAL A 173 17.82 3.34 -4.90
C VAL A 173 17.89 2.04 -5.62
N ARG A 174 19.13 1.57 -5.74
CA ARG A 174 19.14 0.39 -6.51
C ARG A 174 18.77 -0.80 -5.77
N PHE A 175 19.30 -0.89 -4.63
CA PHE A 175 19.06 -2.12 -3.83
C PHE A 175 17.54 -2.29 -3.48
N ASN A 176 16.97 -1.21 -3.05
CA ASN A 176 15.54 -1.38 -2.72
C ASN A 176 14.66 -1.70 -3.97
N ALA A 177 15.07 -1.17 -5.14
CA ALA A 177 14.35 -1.53 -6.36
C ALA A 177 14.44 -2.95 -6.64
N GLU A 178 15.70 -3.43 -6.54
CA GLU A 178 15.96 -4.87 -6.77
C GLU A 178 15.06 -5.80 -5.80
N THR A 179 14.96 -5.36 -4.47
CA THR A 179 14.21 -6.15 -3.48
C THR A 179 12.72 -6.16 -3.87
N LEU A 180 12.21 -4.94 -4.21
CA LEU A 180 10.76 -4.87 -4.59
C LEU A 180 10.46 -5.73 -5.79
N ALA A 181 11.38 -5.72 -6.78
CA ALA A 181 11.07 -6.49 -8.01
C ALA A 181 11.10 -7.99 -7.74
N ARG A 182 12.04 -8.38 -6.87
CA ARG A 182 12.07 -9.83 -6.53
C ARG A 182 10.76 -10.27 -5.79
N TYR A 183 10.36 -9.43 -4.86
CA TYR A 183 9.19 -9.75 -4.07
C TYR A 183 7.94 -9.88 -4.95
N ALA A 184 7.95 -8.96 -5.94
CA ALA A 184 6.75 -8.96 -6.83
C ALA A 184 6.55 -10.24 -7.55
N ILE A 185 7.65 -10.65 -8.08
CA ILE A 185 7.70 -11.91 -8.88
C ILE A 185 7.31 -13.07 -8.02
N LEU A 186 7.93 -13.14 -6.90
CA LEU A 186 7.61 -14.34 -6.15
C LEU A 186 6.11 -14.30 -5.67
N SER A 187 5.62 -13.09 -5.37
CA SER A 187 4.22 -13.02 -4.91
C SER A 187 3.33 -13.55 -5.98
N GLN A 188 3.59 -13.10 -7.17
CA GLN A 188 2.68 -13.54 -8.29
C GLN A 188 2.75 -15.00 -8.52
N LEU A 189 3.98 -15.49 -8.30
CA LEU A 189 4.12 -16.95 -8.51
C LEU A 189 3.22 -17.73 -7.59
N CYS A 190 3.08 -17.23 -6.36
CA CYS A 190 2.29 -17.98 -5.32
C CYS A 190 0.75 -17.52 -5.37
N GLY A 191 0.29 -16.67 -6.36
CA GLY A 191 -1.14 -16.35 -6.39
C GLY A 191 -1.44 -15.07 -5.67
N LEU A 192 -0.51 -14.23 -5.24
CA LEU A 192 -0.98 -13.03 -4.57
C LEU A 192 -0.57 -11.83 -5.36
N VAL A 193 -1.48 -10.96 -5.60
CA VAL A 193 -1.20 -9.75 -6.28
C VAL A 193 -0.30 -8.92 -5.39
N PRO A 194 0.85 -8.50 -5.93
CA PRO A 194 1.72 -7.72 -5.16
C PRO A 194 1.46 -6.23 -5.22
N ILE A 195 1.31 -5.65 -4.02
CA ILE A 195 1.35 -4.17 -3.89
C ILE A 195 2.86 -3.80 -3.66
N VAL A 196 3.41 -3.06 -4.62
CA VAL A 196 4.81 -2.63 -4.59
C VAL A 196 4.84 -1.30 -3.95
N GLU A 197 5.38 -1.25 -2.70
CA GLU A 197 5.33 0.07 -2.06
C GLU A 197 6.75 0.63 -1.94
N PRO A 198 7.10 1.64 -2.74
CA PRO A 198 8.40 2.31 -2.66
C PRO A 198 8.15 3.66 -2.16
N GLU A 199 8.16 3.76 -0.82
CA GLU A 199 7.89 5.01 -0.17
C GLU A 199 9.04 5.97 -0.01
N VAL A 200 8.95 7.08 -0.72
CA VAL A 200 9.90 8.18 -0.53
C VAL A 200 9.31 8.89 0.67
N MET A 201 10.04 8.88 1.79
CA MET A 201 9.37 9.39 2.98
C MET A 201 9.15 10.88 3.09
N ILE A 202 8.08 11.28 3.78
CA ILE A 202 7.84 12.72 3.97
C ILE A 202 8.67 13.42 4.95
N ASP A 203 9.35 12.58 5.72
CA ASP A 203 10.30 13.06 6.68
C ASP A 203 11.35 14.03 6.15
N GLY A 204 11.64 15.06 6.89
CA GLY A 204 12.76 16.05 6.55
C GLY A 204 12.25 17.47 6.14
N THR A 205 13.26 18.33 5.85
CA THR A 205 12.96 19.69 5.50
C THR A 205 12.90 19.95 3.96
N HIS A 206 13.04 18.88 3.22
CA HIS A 206 13.06 19.04 1.80
C HIS A 206 11.76 19.63 1.28
N ASP A 207 11.82 20.17 0.06
CA ASP A 207 10.60 20.65 -0.47
C ASP A 207 10.04 19.73 -1.51
N ILE A 208 8.92 20.26 -2.06
CA ILE A 208 8.20 19.43 -3.01
C ILE A 208 8.98 19.09 -4.33
N GLU A 209 9.87 20.08 -4.79
CA GLU A 209 10.73 19.87 -5.95
C GLU A 209 11.71 18.73 -5.67
N THR A 210 12.29 18.74 -4.47
CA THR A 210 13.20 17.66 -4.08
C THR A 210 12.44 16.32 -4.04
N CYS A 211 11.24 16.43 -3.44
CA CYS A 211 10.46 15.22 -3.43
C CYS A 211 10.21 14.68 -4.86
N GLN A 212 9.89 15.61 -5.78
CA GLN A 212 9.52 15.04 -7.07
C GLN A 212 10.79 14.39 -7.73
N ARG A 213 12.01 15.09 -7.52
CA ARG A 213 13.26 14.70 -8.22
C ARG A 213 13.57 13.29 -7.69
N VAL A 214 13.53 13.11 -6.35
CA VAL A 214 13.85 11.78 -5.84
C VAL A 214 12.81 10.77 -6.15
N SER A 215 11.51 11.18 -6.13
CA SER A 215 10.58 10.07 -6.44
C SER A 215 10.63 9.59 -7.84
N GLN A 216 10.76 10.61 -8.69
CA GLN A 216 10.81 10.15 -10.12
C GLN A 216 11.97 9.12 -10.34
N HIS A 217 13.10 9.44 -9.71
CA HIS A 217 14.27 8.51 -9.89
C HIS A 217 14.06 7.24 -9.17
N VAL A 218 13.58 7.31 -7.95
CA VAL A 218 13.39 6.03 -7.28
C VAL A 218 12.42 5.15 -8.03
N TRP A 219 11.29 5.75 -8.46
CA TRP A 219 10.24 4.94 -9.08
C TRP A 219 10.67 4.44 -10.49
N SER A 220 11.48 5.34 -11.24
CA SER A 220 11.84 4.61 -12.52
C SER A 220 12.74 3.44 -12.32
N GLU A 221 13.56 3.54 -11.24
CA GLU A 221 14.35 2.36 -11.08
C GLU A 221 13.59 1.10 -10.60
N VAL A 222 12.53 1.37 -9.84
CA VAL A 222 11.69 0.27 -9.44
C VAL A 222 11.06 -0.35 -10.73
N VAL A 223 10.62 0.54 -11.61
CA VAL A 223 10.00 -0.05 -12.86
C VAL A 223 11.03 -0.90 -13.67
N SER A 224 12.20 -0.24 -13.90
CA SER A 224 13.25 -0.95 -14.73
C SER A 224 13.45 -2.33 -14.11
N ALA A 225 13.51 -2.35 -12.71
CA ALA A 225 13.75 -3.67 -12.07
C ALA A 225 12.59 -4.65 -12.25
N LEU A 226 11.38 -4.06 -12.16
CA LEU A 226 10.25 -5.03 -12.40
C LEU A 226 10.30 -5.68 -13.79
N HIS A 227 10.72 -4.76 -14.73
CA HIS A 227 10.86 -5.38 -16.10
C HIS A 227 11.92 -6.40 -16.10
N ARG A 228 13.06 -6.00 -15.47
CA ARG A 228 14.22 -6.94 -15.47
C ARG A 228 13.91 -8.27 -14.76
N HIS A 229 12.96 -8.27 -13.82
CA HIS A 229 12.67 -9.58 -13.14
C HIS A 229 11.48 -10.28 -13.77
N GLY A 230 10.81 -9.57 -14.67
CA GLY A 230 9.87 -10.42 -15.38
C GLY A 230 8.42 -10.29 -14.84
N VAL A 231 8.10 -9.15 -14.22
CA VAL A 231 6.78 -9.09 -13.53
C VAL A 231 5.55 -9.16 -14.55
N VAL A 232 4.33 -9.64 -14.14
CA VAL A 232 3.04 -9.47 -14.93
C VAL A 232 2.43 -8.15 -14.55
N TRP A 233 2.67 -7.12 -15.39
CA TRP A 233 2.29 -5.77 -15.04
C TRP A 233 0.80 -5.76 -14.66
N GLU A 234 -0.02 -6.46 -15.47
CA GLU A 234 -1.53 -6.42 -15.37
C GLU A 234 -1.94 -7.05 -14.01
N GLY A 235 -1.10 -7.79 -13.32
CA GLY A 235 -1.44 -8.45 -12.05
C GLY A 235 -0.62 -7.81 -10.90
N CYS A 236 -0.33 -6.53 -10.96
CA CYS A 236 0.54 -5.91 -9.95
C CYS A 236 -0.08 -4.55 -9.56
N LEU A 237 0.26 -3.98 -8.37
CA LEU A 237 -0.18 -2.59 -8.03
C LEU A 237 0.92 -1.78 -7.39
N LEU A 238 0.77 -0.51 -7.47
CA LEU A 238 1.75 0.35 -6.86
C LEU A 238 1.22 1.12 -5.64
N LYS A 239 1.99 1.24 -4.60
CA LYS A 239 1.60 2.02 -3.44
C LYS A 239 2.72 2.99 -3.14
N PRO A 240 2.66 4.19 -3.87
CA PRO A 240 3.72 5.19 -3.72
C PRO A 240 3.28 6.29 -2.77
N ASN A 241 4.22 7.07 -2.34
CA ASN A 241 3.85 8.32 -1.62
C ASN A 241 3.32 9.28 -2.67
N MET A 242 2.68 10.33 -2.21
CA MET A 242 2.26 11.44 -3.04
C MET A 242 3.52 12.31 -3.04
N VAL A 243 3.59 13.27 -3.96
CA VAL A 243 4.75 14.17 -3.96
C VAL A 243 4.29 15.39 -3.33
N VAL A 244 4.98 15.65 -2.18
CA VAL A 244 4.57 16.78 -1.33
C VAL A 244 5.76 17.34 -0.68
N PRO A 245 5.68 18.55 -0.03
CA PRO A 245 6.82 19.04 0.69
C PRO A 245 7.10 18.15 1.94
N GLY A 246 8.38 18.19 2.39
CA GLY A 246 8.79 17.46 3.52
C GLY A 246 8.07 17.96 4.83
N ALA A 247 7.91 17.02 5.77
CA ALA A 247 7.23 17.27 7.02
C ALA A 247 7.84 18.38 7.86
N GLU A 248 9.09 18.59 7.68
CA GLU A 248 9.61 19.67 8.52
C GLU A 248 10.04 20.78 7.56
N SER A 249 9.49 20.82 6.36
CA SER A 249 10.01 21.84 5.51
C SER A 249 9.41 23.16 5.88
N GLY A 250 8.37 23.18 6.59
CA GLY A 250 7.68 24.41 6.86
C GLY A 250 6.62 24.82 5.84
N LEU A 251 6.37 24.09 4.74
CA LEU A 251 5.47 24.53 3.68
C LEU A 251 4.44 23.53 3.50
N LYS A 252 3.28 23.97 3.03
CA LYS A 252 2.17 23.05 2.84
C LYS A 252 1.71 23.34 1.45
N GLY A 253 1.37 22.35 0.71
CA GLY A 253 0.99 22.51 -0.68
C GLY A 253 -0.44 22.43 -0.84
N HIS A 254 -0.97 23.00 -1.92
CA HIS A 254 -2.40 22.78 -2.12
C HIS A 254 -2.63 21.46 -2.72
N ALA A 255 -3.87 21.06 -2.72
CA ALA A 255 -4.05 19.76 -3.22
C ALA A 255 -3.85 19.75 -4.69
N GLU A 256 -4.16 20.86 -5.34
CA GLU A 256 -4.02 20.82 -6.81
C GLU A 256 -2.53 20.78 -7.15
N GLN A 257 -1.67 21.48 -6.37
CA GLN A 257 -0.18 21.34 -6.63
C GLN A 257 0.28 19.92 -6.47
N VAL A 258 -0.21 19.32 -5.37
CA VAL A 258 0.11 17.92 -5.11
C VAL A 258 -0.26 16.99 -6.25
N ALA A 259 -1.51 17.10 -6.68
CA ALA A 259 -1.96 16.16 -7.73
C ALA A 259 -1.16 16.43 -9.07
N GLU A 260 -0.85 17.74 -9.33
CA GLU A 260 -0.10 17.80 -10.51
C GLU A 260 1.37 17.20 -10.47
N TYR A 261 2.03 17.51 -9.38
CA TYR A 261 3.37 16.97 -9.25
C TYR A 261 3.30 15.48 -9.18
N THR A 262 2.30 14.97 -8.51
CA THR A 262 2.25 13.48 -8.35
C THR A 262 1.93 12.85 -9.63
N VAL A 263 0.87 13.39 -10.23
CA VAL A 263 0.48 12.63 -11.42
C VAL A 263 1.54 12.91 -12.51
N LYS A 264 2.03 14.16 -12.61
CA LYS A 264 3.00 14.22 -13.71
C LYS A 264 4.17 13.34 -13.42
N THR A 265 4.56 13.07 -12.19
CA THR A 265 5.68 12.16 -11.89
C THR A 265 5.33 10.80 -12.24
N LEU A 266 4.20 10.40 -11.86
CA LEU A 266 3.91 8.98 -12.20
C LEU A 266 3.77 8.63 -13.71
N ALA A 267 3.25 9.68 -14.41
CA ALA A 267 2.93 9.47 -15.79
C ALA A 267 4.31 9.34 -16.52
N ARG A 268 5.40 9.90 -15.96
CA ARG A 268 6.68 9.72 -16.57
C ARG A 268 7.29 8.36 -16.42
N VAL A 269 6.74 7.53 -15.48
CA VAL A 269 7.45 6.25 -15.16
C VAL A 269 6.64 5.07 -15.06
N ILE A 270 5.34 5.22 -14.74
CA ILE A 270 4.63 3.95 -14.56
C ILE A 270 3.93 3.46 -15.85
N PRO A 271 4.20 2.27 -16.37
CA PRO A 271 3.52 1.75 -17.56
C PRO A 271 1.96 1.77 -17.37
N PRO A 272 1.23 2.10 -18.40
CA PRO A 272 -0.25 2.21 -18.33
C PRO A 272 -0.83 0.83 -18.17
N ALA A 273 -0.10 -0.24 -18.41
CA ALA A 273 -0.71 -1.53 -18.21
C ALA A 273 -0.91 -1.85 -16.66
N LEU A 274 -0.18 -1.14 -15.75
CA LEU A 274 -0.35 -1.45 -14.29
C LEU A 274 -1.75 -0.81 -14.01
N PRO A 275 -2.54 -1.66 -13.47
CA PRO A 275 -3.99 -1.38 -13.26
C PRO A 275 -4.30 -0.27 -12.28
N GLY A 276 -3.45 -0.12 -11.22
CA GLY A 276 -3.83 0.96 -10.26
C GLY A 276 -2.73 1.29 -9.27
N VAL A 277 -2.79 2.53 -8.79
CA VAL A 277 -1.90 3.08 -7.79
C VAL A 277 -2.76 3.29 -6.53
N THR A 278 -2.40 2.72 -5.35
CA THR A 278 -3.16 2.88 -4.04
C THR A 278 -2.28 3.67 -3.10
N PHE A 279 -2.42 4.98 -3.17
CA PHE A 279 -1.52 5.83 -2.41
C PHE A 279 -1.54 5.63 -0.90
N LEU A 280 -0.35 5.77 -0.38
CA LEU A 280 -0.11 5.76 1.06
C LEU A 280 -0.32 7.21 1.48
N SER A 281 -0.71 7.47 2.74
CA SER A 281 -1.06 8.82 3.33
C SER A 281 -0.12 9.41 4.38
N GLY A 282 0.95 8.61 4.58
CA GLY A 282 2.02 8.73 5.59
C GLY A 282 2.33 10.19 5.98
N GLY A 283 1.84 10.56 7.11
CA GLY A 283 2.18 11.95 7.59
C GLY A 283 1.10 12.91 7.18
N LEU A 284 0.12 12.56 6.36
CA LEU A 284 -0.76 13.61 6.00
C LEU A 284 -1.91 13.56 7.02
N SER A 285 -2.66 14.70 7.18
CA SER A 285 -3.81 14.56 8.05
C SER A 285 -4.89 13.76 7.35
N GLU A 286 -5.86 13.30 8.14
CA GLU A 286 -7.01 12.54 7.56
C GLU A 286 -7.67 13.37 6.45
N VAL A 287 -7.86 14.68 6.68
CA VAL A 287 -8.52 15.58 5.64
C VAL A 287 -7.70 15.76 4.38
N MET A 288 -6.42 16.02 4.59
CA MET A 288 -5.47 16.22 3.50
C MET A 288 -5.41 15.02 2.69
N ALA A 289 -5.46 13.84 3.33
CA ALA A 289 -5.30 12.68 2.56
C ALA A 289 -6.46 12.56 1.63
N SER A 290 -7.65 12.98 2.08
CA SER A 290 -8.84 12.87 1.19
C SER A 290 -8.76 14.00 0.13
N GLU A 291 -8.50 15.24 0.54
CA GLU A 291 -8.42 16.31 -0.42
C GLU A 291 -7.40 16.02 -1.49
N TYR A 292 -6.21 15.56 -1.10
CA TYR A 292 -5.15 15.24 -2.07
C TYR A 292 -5.58 14.12 -3.02
N LEU A 293 -6.26 13.10 -2.52
CA LEU A 293 -6.64 12.07 -3.48
C LEU A 293 -7.67 12.54 -4.46
N ASN A 294 -8.55 13.32 -3.90
CA ASN A 294 -9.64 13.89 -4.75
C ASN A 294 -9.06 14.70 -5.95
N ALA A 295 -8.06 15.54 -5.64
CA ALA A 295 -7.46 16.35 -6.68
C ALA A 295 -6.80 15.46 -7.73
N MET A 296 -6.23 14.38 -7.32
CA MET A 296 -5.61 13.50 -8.27
C MET A 296 -6.71 13.17 -9.26
N ASN A 297 -7.83 12.80 -8.75
CA ASN A 297 -8.91 12.36 -9.61
C ASN A 297 -9.70 13.43 -10.27
N ASN A 298 -9.10 14.50 -10.23
CA ASN A 298 -9.62 15.57 -10.96
C ASN A 298 -8.50 16.14 -11.83
N CYS A 299 -7.30 15.55 -11.88
CA CYS A 299 -6.11 16.16 -12.55
C CYS A 299 -6.24 15.86 -14.13
N PRO A 300 -6.02 16.87 -14.91
CA PRO A 300 -6.02 16.83 -16.36
C PRO A 300 -4.80 16.11 -16.97
N LEU A 301 -3.78 15.84 -16.23
CA LEU A 301 -2.69 15.08 -16.80
C LEU A 301 -3.08 13.63 -17.03
N PRO A 302 -2.25 12.95 -17.77
CA PRO A 302 -2.53 11.59 -18.05
C PRO A 302 -2.43 10.72 -16.81
N ARG A 303 -3.42 9.88 -16.69
CA ARG A 303 -3.44 9.02 -15.59
C ARG A 303 -4.30 7.90 -15.94
N PRO A 304 -3.71 7.02 -16.69
CA PRO A 304 -4.40 5.84 -17.14
C PRO A 304 -4.69 4.78 -16.16
N TRP A 305 -4.01 4.65 -15.00
CA TRP A 305 -4.34 3.58 -14.08
C TRP A 305 -5.38 4.18 -13.08
N LYS A 306 -6.05 3.26 -12.34
CA LYS A 306 -6.88 3.83 -11.24
C LYS A 306 -5.96 4.46 -10.21
N LEU A 307 -6.43 5.55 -9.72
CA LEU A 307 -5.80 6.34 -8.64
C LEU A 307 -6.78 6.28 -7.40
N THR A 308 -6.37 5.48 -6.45
CA THR A 308 -7.10 5.30 -5.18
C THR A 308 -6.28 5.31 -3.92
N PHE A 309 -6.81 4.83 -2.79
CA PHE A 309 -6.07 4.98 -1.51
C PHE A 309 -5.76 3.64 -0.94
N SER A 310 -4.66 3.60 -0.17
CA SER A 310 -4.44 2.42 0.59
C SER A 310 -3.99 3.04 2.00
N TYR A 311 -4.95 3.39 2.89
CA TYR A 311 -4.58 4.25 4.01
C TYR A 311 -4.75 3.50 5.36
N ALA A 312 -3.97 3.94 6.38
CA ALA A 312 -4.10 3.26 7.70
C ALA A 312 -4.51 4.33 8.64
N ARG A 313 -3.51 5.08 9.11
CA ARG A 313 -3.95 6.13 10.06
C ARG A 313 -5.00 7.15 9.57
N ALA A 314 -4.86 7.41 8.24
CA ALA A 314 -5.72 8.42 7.74
C ALA A 314 -7.10 7.78 7.59
N LEU A 315 -7.24 6.45 7.78
CA LEU A 315 -8.66 6.10 7.77
C LEU A 315 -9.09 5.82 9.27
N GLN A 316 -8.13 5.62 10.20
CA GLN A 316 -8.45 5.07 11.55
C GLN A 316 -8.36 6.00 12.75
N SER A 317 -7.68 7.04 12.51
CA SER A 317 -7.31 7.93 13.55
C SER A 317 -8.44 8.40 14.46
N SER A 318 -9.28 9.15 13.82
CA SER A 318 -10.47 9.54 14.55
C SER A 318 -11.26 8.36 15.09
N ALA A 319 -11.36 7.29 14.32
CA ALA A 319 -12.16 6.20 14.81
C ALA A 319 -11.66 5.63 16.14
N ILE A 320 -10.37 5.50 16.10
CA ILE A 320 -9.68 4.93 17.22
C ILE A 320 -9.98 5.77 18.45
N LYS A 321 -9.91 7.05 18.26
CA LYS A 321 -10.19 8.04 19.28
C LYS A 321 -11.60 7.94 19.84
N ARG A 322 -12.54 7.92 18.99
CA ARG A 322 -13.92 7.77 19.38
C ARG A 322 -14.23 6.40 19.97
N TRP A 323 -13.56 5.38 19.50
CA TRP A 323 -13.83 4.10 20.03
C TRP A 323 -13.32 4.05 21.51
N GLY A 324 -12.11 4.45 21.73
CA GLY A 324 -11.61 4.52 23.08
C GLY A 324 -11.17 3.21 23.68
N GLY A 325 -11.20 2.22 22.90
CA GLY A 325 -10.77 0.90 23.40
C GLY A 325 -11.98 0.27 24.10
N LYS A 326 -13.20 0.85 24.00
CA LYS A 326 -14.33 0.29 24.73
C LYS A 326 -15.49 0.01 23.92
N GLU A 327 -16.06 -1.06 24.37
CA GLU A 327 -17.27 -1.55 23.72
C GLU A 327 -18.24 -0.43 23.59
N SER A 328 -18.18 0.27 24.62
CA SER A 328 -19.04 1.36 24.64
C SER A 328 -18.64 2.35 23.56
N GLY A 329 -17.40 2.44 23.03
CA GLY A 329 -17.08 3.55 22.02
C GLY A 329 -17.26 2.99 20.63
N VAL A 330 -17.64 1.74 20.66
CA VAL A 330 -17.74 1.06 19.41
C VAL A 330 -18.50 1.73 18.33
N GLU A 331 -19.72 2.14 18.64
CA GLU A 331 -20.57 2.79 17.63
C GLU A 331 -20.05 4.12 17.14
N ALA A 332 -19.46 4.89 18.05
CA ALA A 332 -18.98 6.13 17.56
C ALA A 332 -17.75 5.95 16.74
N GLY A 333 -16.95 4.95 17.16
CA GLY A 333 -15.73 4.59 16.50
C GLY A 333 -16.13 4.25 15.06
N ARG A 334 -17.15 3.49 14.86
CA ARG A 334 -17.56 3.12 13.50
C ARG A 334 -18.11 4.25 12.71
N ARG A 335 -18.84 5.04 13.44
CA ARG A 335 -19.37 6.12 12.65
C ARG A 335 -18.26 6.91 12.05
N ALA A 336 -17.25 7.03 12.83
CA ALA A 336 -16.23 7.90 12.28
C ALA A 336 -15.45 7.23 11.12
N PHE A 337 -15.21 5.92 11.29
CA PHE A 337 -14.56 5.09 10.30
C PHE A 337 -15.27 5.19 8.98
N MET A 338 -16.62 4.95 9.05
CA MET A 338 -17.51 5.08 7.88
C MET A 338 -17.42 6.43 7.28
N HIS A 339 -17.37 7.45 8.14
CA HIS A 339 -17.38 8.68 7.43
C HIS A 339 -16.05 8.91 6.55
N ARG A 340 -14.97 8.48 7.15
CA ARG A 340 -13.67 8.72 6.51
C ARG A 340 -13.55 7.84 5.30
N ALA A 341 -14.14 6.65 5.43
CA ALA A 341 -14.11 5.72 4.31
C ALA A 341 -14.99 6.23 3.19
N LYS A 342 -16.11 6.83 3.56
CA LYS A 342 -16.96 7.45 2.54
C LYS A 342 -16.25 8.65 1.88
N MET A 343 -15.62 9.47 2.73
CA MET A 343 -14.87 10.61 2.13
C MET A 343 -13.92 10.13 1.06
N ASN A 344 -13.25 9.08 1.40
CA ASN A 344 -12.18 8.68 0.52
C ASN A 344 -12.77 7.99 -0.73
N SER A 345 -13.84 7.26 -0.57
CA SER A 345 -14.54 6.60 -1.65
C SER A 345 -14.93 7.69 -2.68
N LEU A 346 -15.48 8.83 -2.20
CA LEU A 346 -15.78 9.95 -3.10
C LEU A 346 -14.58 10.60 -3.71
N ALA A 347 -13.55 10.72 -2.91
CA ALA A 347 -12.30 11.27 -3.45
C ALA A 347 -11.73 10.37 -4.63
N GLN A 348 -11.87 9.02 -4.49
CA GLN A 348 -11.49 8.19 -5.64
C GLN A 348 -12.32 8.58 -6.90
N LEU A 349 -13.60 8.99 -6.76
CA LEU A 349 -14.51 9.37 -7.88
C LEU A 349 -14.24 10.74 -8.18
N GLY A 350 -13.38 11.39 -7.39
CA GLY A 350 -13.11 12.74 -7.75
C GLY A 350 -14.29 13.65 -7.36
N LYS A 351 -15.13 13.18 -6.52
CA LYS A 351 -16.25 13.99 -6.03
C LYS A 351 -16.21 14.31 -4.54
N TYR A 352 -15.17 14.16 -3.85
CA TYR A 352 -15.19 14.52 -2.46
C TYR A 352 -15.44 16.05 -2.32
N ASN A 353 -16.00 16.51 -1.19
CA ASN A 353 -16.30 17.92 -0.89
C ASN A 353 -15.91 18.16 0.50
N ARG A 354 -15.03 19.04 0.58
CA ARG A 354 -14.48 19.36 1.86
C ARG A 354 -15.50 19.92 2.85
N ALA A 355 -16.57 20.53 2.31
CA ALA A 355 -17.56 21.12 3.16
C ALA A 355 -18.12 20.00 3.90
N ASP A 356 -18.03 18.83 3.34
CA ASP A 356 -18.51 17.65 4.00
C ASP A 356 -17.64 17.03 5.13
N ASP A 357 -16.42 17.56 5.36
CA ASP A 357 -15.51 17.18 6.41
C ASP A 357 -15.19 18.31 7.45
#